data_4ELY
#
_entry.id   4ELY
#
_cell.length_a   130.073
_cell.length_b   90.833
_cell.length_c   58.130
_cell.angle_alpha   90.00
_cell.angle_beta   102.59
_cell.angle_gamma   90.00
#
_symmetry.space_group_name_H-M   'C 1 2 1'
#
loop_
_entity.id
_entity.type
_entity.pdbx_description
1 polymer 'DNA gyrase subunit A'
2 polymer CcdB
3 non-polymer 'SULFATE ION'
4 non-polymer 'CHLORIDE ION'
5 water water
#
loop_
_entity_poly.entity_id
_entity_poly.type
_entity_poly.pdbx_seq_one_letter_code
_entity_poly.pdbx_strand_id
1 'polypeptide(L)'
;MGSSHHHHHHSSGLVPRGSHMTRRTIFELRKARDRAHILEALAVALANIDPIIELIRHAPTPAEAKTALVANPWQLGNVA
AMLERAGDDAARPEWLEPEFGVRDGLYYLTEQQAQAILDLRLQKLTGLEHEKLLDEYKELLDQIAELLRILGSADR
;
A,B
2 'polypeptide(L)'
;MSQFTLYKNKDKSSAKTYPYFVDVQSDLLDNLNTRLVIPLTPIELLDKKAPSHLCPTIHIDEGDFIMLTQQMTSVPVKIL
SEPVNELSTFRNEIIAAIDFLITGI
;
C,D
#
# COMPACT_ATOMS: atom_id res chain seq x y z
N THR A 22 -3.07 27.73 -23.54
CA THR A 22 -4.20 26.85 -23.79
C THR A 22 -3.73 25.47 -24.27
N ARG A 23 -4.65 24.51 -24.26
CA ARG A 23 -4.35 23.09 -24.52
C ARG A 23 -3.46 22.51 -23.43
N ARG A 24 -2.37 23.20 -23.14
CA ARG A 24 -1.55 22.90 -21.97
C ARG A 24 -2.34 23.22 -20.71
N THR A 25 -3.07 24.34 -20.76
CA THR A 25 -3.91 24.77 -19.65
C THR A 25 -5.03 23.78 -19.31
N ILE A 26 -5.70 23.29 -20.35
CA ILE A 26 -6.77 22.30 -20.17
C ILE A 26 -6.21 21.00 -19.60
N PHE A 27 -5.06 20.56 -20.10
CA PHE A 27 -4.41 19.39 -19.56
C PHE A 27 -4.10 19.57 -18.07
N GLU A 28 -3.56 20.72 -17.71
CA GLU A 28 -3.21 21.00 -16.31
C GLU A 28 -4.43 21.04 -15.40
N LEU A 29 -5.48 21.73 -15.84
CA LEU A 29 -6.71 21.86 -15.07
C LEU A 29 -7.34 20.49 -14.82
N ARG A 30 -7.38 19.67 -15.86
CA ARG A 30 -7.92 18.32 -15.74
C ARG A 30 -7.15 17.50 -14.73
N LYS A 31 -5.83 17.55 -14.80
CA LYS A 31 -5.00 16.74 -13.90
C LYS A 31 -5.14 17.20 -12.48
N ALA A 32 -5.28 18.51 -12.27
CA ALA A 32 -5.44 19.04 -10.92
C ALA A 32 -6.78 18.60 -10.32
N ARG A 33 -7.85 18.72 -11.11
CA ARG A 33 -9.17 18.28 -10.68
C ARG A 33 -9.23 16.77 -10.42
N ASP A 34 -8.57 15.98 -11.27
CA ASP A 34 -8.55 14.54 -11.07
C ASP A 34 -7.90 14.18 -9.76
N ARG A 35 -6.77 14.81 -9.48
CA ARG A 35 -6.09 14.59 -8.20
C ARG A 35 -6.90 15.15 -7.03
N ALA A 36 -7.47 16.34 -7.20
CA ALA A 36 -8.24 16.97 -6.14
C ALA A 36 -9.47 16.16 -5.78
N HIS A 37 -10.04 15.50 -6.79
CA HIS A 37 -11.24 14.69 -6.62
C HIS A 37 -11.00 13.52 -5.68
N ILE A 38 -9.84 12.87 -5.81
CA ILE A 38 -9.50 11.79 -4.88
C ILE A 38 -9.20 12.32 -3.49
N LEU A 39 -8.40 13.39 -3.41
CA LEU A 39 -8.08 13.97 -2.10
C LEU A 39 -9.31 14.49 -1.38
N GLU A 40 -10.27 14.99 -2.16
CA GLU A 40 -11.51 15.53 -1.60
C GLU A 40 -12.25 14.44 -0.86
N ALA A 41 -12.33 13.26 -1.46
CA ALA A 41 -13.00 12.13 -0.81
C ALA A 41 -12.26 11.69 0.47
N LEU A 42 -10.93 11.65 0.40
CA LEU A 42 -10.12 11.30 1.58
C LEU A 42 -10.33 12.30 2.68
N ALA A 43 -10.40 13.58 2.31
CA ALA A 43 -10.58 14.65 3.30
C ALA A 43 -11.96 14.56 3.95
N VAL A 44 -12.99 14.25 3.14
CA VAL A 44 -14.33 14.07 3.68
C VAL A 44 -14.35 12.84 4.61
N ALA A 45 -13.70 11.76 4.19
CA ALA A 45 -13.59 10.58 5.05
C ALA A 45 -12.90 10.86 6.39
N LEU A 46 -11.79 11.61 6.35
CA LEU A 46 -11.07 11.95 7.57
C LEU A 46 -11.89 12.87 8.47
N ALA A 47 -12.74 13.69 7.86
CA ALA A 47 -13.63 14.57 8.62
C ALA A 47 -14.75 13.77 9.29
N ASN A 48 -14.97 12.54 8.83
CA ASN A 48 -16.05 11.69 9.36
C ASN A 48 -15.52 10.34 9.77
N ILE A 49 -14.30 10.29 10.29
CA ILE A 49 -13.56 9.04 10.33
C ILE A 49 -14.23 8.04 11.27
N ASP A 50 -14.85 8.55 12.33
CA ASP A 50 -15.50 7.69 13.30
C ASP A 50 -16.64 6.87 12.64
N PRO A 51 -17.68 7.53 12.08
CA PRO A 51 -18.68 6.68 11.41
C PRO A 51 -18.21 5.98 10.13
N ILE A 52 -17.19 6.49 9.44
CA ILE A 52 -16.61 5.80 8.28
C ILE A 52 -16.08 4.40 8.69
N ILE A 53 -15.28 4.36 9.75
CA ILE A 53 -14.72 3.09 10.21
C ILE A 53 -15.79 2.16 10.79
N GLU A 54 -16.77 2.70 11.49
CA GLU A 54 -17.90 1.87 11.94
C GLU A 54 -18.57 1.18 10.78
N LEU A 55 -18.83 1.93 9.72
CA LEU A 55 -19.50 1.39 8.54
C LEU A 55 -18.64 0.30 7.91
N ILE A 56 -17.34 0.57 7.82
CA ILE A 56 -16.44 -0.42 7.24
C ILE A 56 -16.36 -1.70 8.07
N ARG A 57 -16.20 -1.57 9.39
CA ARG A 57 -16.13 -2.74 10.27
C ARG A 57 -17.39 -3.61 10.22
N HIS A 58 -18.54 -2.98 10.00
CA HIS A 58 -19.81 -3.70 9.94
C HIS A 58 -19.99 -4.44 8.61
N ALA A 59 -19.24 -4.06 7.59
CA ALA A 59 -19.39 -4.69 6.29
C ALA A 59 -18.69 -6.05 6.25
N PRO A 60 -19.39 -7.07 5.75
CA PRO A 60 -18.79 -8.41 5.71
C PRO A 60 -17.64 -8.51 4.71
N THR A 61 -17.67 -7.72 3.65
CA THR A 61 -16.63 -7.78 2.61
C THR A 61 -16.26 -6.39 2.13
N PRO A 62 -15.08 -6.27 1.49
CA PRO A 62 -14.70 -4.99 0.88
C PRO A 62 -15.75 -4.47 -0.13
N ALA A 63 -16.32 -5.37 -0.93
CA ALA A 63 -17.35 -4.96 -1.90
C ALA A 63 -18.57 -4.33 -1.22
N GLU A 64 -19.02 -4.93 -0.13
CA GLU A 64 -20.15 -4.41 0.64
C GLU A 64 -19.80 -3.12 1.39
N ALA A 65 -18.55 -2.98 1.81
CA ALA A 65 -18.12 -1.73 2.43
C ALA A 65 -18.19 -0.62 1.40
N LYS A 66 -17.75 -0.93 0.19
CA LYS A 66 -17.76 0.07 -0.87
C LYS A 66 -19.20 0.47 -1.21
N THR A 67 -20.10 -0.50 -1.24
CA THR A 67 -21.51 -0.22 -1.48
C THR A 67 -22.09 0.65 -0.38
N ALA A 68 -21.73 0.34 0.86
CA ALA A 68 -22.30 1.10 1.97
C ALA A 68 -21.75 2.54 2.00
N LEU A 69 -20.49 2.72 1.61
CA LEU A 69 -19.89 4.04 1.60
C LEU A 69 -20.58 4.96 0.58
N VAL A 70 -20.96 4.42 -0.57
N VAL A 70 -20.94 4.39 -0.56
CA VAL A 70 -21.62 5.24 -1.58
CA VAL A 70 -21.62 5.12 -1.65
C VAL A 70 -23.14 5.28 -1.41
C VAL A 70 -23.11 5.29 -1.39
N ALA A 71 -23.68 4.43 -0.55
CA ALA A 71 -25.16 4.34 -0.43
C ALA A 71 -25.79 5.63 0.11
N ASN A 72 -25.13 6.25 1.07
CA ASN A 72 -25.63 7.47 1.72
C ASN A 72 -24.56 8.55 1.63
N PRO A 73 -24.99 9.83 1.58
CA PRO A 73 -24.01 10.93 1.56
C PRO A 73 -23.37 11.20 2.93
N TRP A 74 -22.30 11.99 2.93
CA TRP A 74 -21.53 12.32 4.12
C TRP A 74 -21.53 13.82 4.37
N GLN A 75 -21.54 14.20 5.64
CA GLN A 75 -21.44 15.60 6.05
C GLN A 75 -20.07 16.12 5.62
N LEU A 76 -19.99 17.40 5.27
CA LEU A 76 -18.71 17.98 4.80
C LEU A 76 -17.68 18.19 5.92
N GLY A 77 -18.16 18.49 7.12
CA GLY A 77 -17.29 18.81 8.23
C GLY A 77 -16.37 19.96 7.88
N ASN A 78 -15.08 19.79 8.16
CA ASN A 78 -14.09 20.84 7.91
C ASN A 78 -13.89 21.16 6.42
N VAL A 79 -14.33 20.26 5.54
CA VAL A 79 -14.13 20.46 4.10
C VAL A 79 -14.97 21.63 3.58
N ALA A 80 -16.10 21.89 4.25
CA ALA A 80 -16.98 22.99 3.87
C ALA A 80 -16.22 24.31 3.82
N ALA A 81 -15.44 24.59 4.86
CA ALA A 81 -14.68 25.83 4.92
C ALA A 81 -13.62 25.91 3.81
N MET A 82 -12.98 24.78 3.51
CA MET A 82 -11.96 24.72 2.46
C MET A 82 -12.52 25.04 1.08
N LEU A 83 -13.74 24.58 0.79
CA LEU A 83 -14.34 24.83 -0.52
C LEU A 83 -14.52 26.31 -0.81
N GLU A 84 -14.53 27.14 0.24
CA GLU A 84 -14.62 28.59 0.07
C GLU A 84 -13.37 29.18 -0.59
N ARG A 85 -12.32 28.36 -0.71
CA ARG A 85 -11.08 28.78 -1.39
C ARG A 85 -11.27 28.91 -2.90
N ALA A 86 -12.42 28.45 -3.40
CA ALA A 86 -12.71 28.51 -4.82
C ALA A 86 -14.19 28.73 -5.02
N GLY A 87 -14.58 29.20 -6.21
CA GLY A 87 -15.99 29.35 -6.57
C GLY A 87 -16.69 28.00 -6.50
N ASP A 88 -18.02 28.01 -6.57
CA ASP A 88 -18.80 26.78 -6.43
C ASP A 88 -18.42 25.70 -7.44
N ASP A 89 -18.14 24.49 -6.95
CA ASP A 89 -17.89 23.33 -7.81
C ASP A 89 -16.71 23.48 -8.77
N ALA A 90 -15.76 24.34 -8.46
CA ALA A 90 -14.61 24.58 -9.34
C ALA A 90 -13.69 23.36 -9.39
N ALA A 91 -13.66 22.59 -8.31
CA ALA A 91 -12.80 21.42 -8.19
C ALA A 91 -13.42 20.17 -8.81
N ARG A 92 -14.68 20.28 -9.21
CA ARG A 92 -15.41 19.15 -9.74
C ARG A 92 -14.93 18.80 -11.15
N PRO A 93 -14.53 17.54 -11.37
CA PRO A 93 -14.22 17.08 -12.74
C PRO A 93 -15.42 17.25 -13.67
N GLU A 94 -15.16 17.65 -14.93
CA GLU A 94 -16.23 17.88 -15.86
C GLU A 94 -17.04 16.62 -16.14
N TRP A 95 -16.39 15.47 -16.02
CA TRP A 95 -17.05 14.21 -16.34
C TRP A 95 -17.91 13.67 -15.19
N LEU A 96 -17.77 14.27 -14.01
CA LEU A 96 -18.48 13.78 -12.85
C LEU A 96 -19.99 13.97 -13.04
N GLU A 97 -20.75 12.89 -12.87
CA GLU A 97 -22.21 12.94 -13.02
C GLU A 97 -22.87 13.73 -11.90
N PRO A 98 -24.01 14.39 -12.18
CA PRO A 98 -24.63 15.33 -11.24
C PRO A 98 -25.00 14.73 -9.89
N GLU A 99 -25.27 13.43 -9.83
N GLU A 99 -25.27 13.43 -9.83
CA GLU A 99 -25.66 12.79 -8.58
CA GLU A 99 -25.65 12.79 -8.58
C GLU A 99 -24.48 12.62 -7.63
C GLU A 99 -24.49 12.63 -7.62
N PHE A 100 -23.28 12.91 -8.09
CA PHE A 100 -22.08 12.80 -7.23
C PHE A 100 -21.51 14.15 -6.84
N GLY A 101 -20.68 14.15 -5.81
CA GLY A 101 -19.98 15.34 -5.37
C GLY A 101 -20.70 16.13 -4.30
N VAL A 102 -20.43 17.44 -4.23
CA VAL A 102 -21.06 18.29 -3.21
C VAL A 102 -22.48 18.65 -3.63
N ARG A 103 -23.43 18.28 -2.79
CA ARG A 103 -24.84 18.55 -3.08
C ARG A 103 -25.56 18.96 -1.81
N ASP A 104 -25.91 20.24 -1.71
CA ASP A 104 -26.66 20.78 -0.58
C ASP A 104 -26.03 20.45 0.78
N GLY A 105 -24.72 20.66 0.88
CA GLY A 105 -24.04 20.52 2.17
C GLY A 105 -23.62 19.11 2.49
N LEU A 106 -23.87 18.18 1.58
CA LEU A 106 -23.44 16.79 1.77
C LEU A 106 -22.57 16.33 0.60
N TYR A 107 -21.81 15.26 0.84
CA TYR A 107 -20.93 14.72 -0.18
C TYR A 107 -21.36 13.32 -0.62
N TYR A 108 -21.53 13.16 -1.92
CA TYR A 108 -21.93 11.89 -2.52
C TYR A 108 -20.74 11.27 -3.26
N LEU A 109 -20.20 10.21 -2.65
CA LEU A 109 -19.00 9.53 -3.16
C LEU A 109 -19.28 8.67 -4.40
N THR A 110 -18.30 8.59 -5.29
CA THR A 110 -18.33 7.60 -6.36
C THR A 110 -17.70 6.31 -5.85
N GLU A 111 -17.85 5.23 -6.59
CA GLU A 111 -17.24 3.96 -6.19
C GLU A 111 -15.73 4.06 -6.15
N GLN A 112 -15.15 4.79 -7.11
CA GLN A 112 -13.69 4.97 -7.12
C GLN A 112 -13.20 5.74 -5.89
N GLN A 113 -13.96 6.73 -5.48
CA GLN A 113 -13.62 7.44 -4.25
C GLN A 113 -13.73 6.56 -3.00
N ALA A 114 -14.78 5.73 -2.95
CA ALA A 114 -14.94 4.83 -1.80
C ALA A 114 -13.78 3.84 -1.75
N GLN A 115 -13.31 3.41 -2.91
CA GLN A 115 -12.16 2.50 -2.96
C GLN A 115 -10.89 3.18 -2.48
N ALA A 116 -10.74 4.46 -2.76
CA ALA A 116 -9.58 5.20 -2.22
C ALA A 116 -9.64 5.28 -0.70
N ILE A 117 -10.83 5.50 -0.16
CA ILE A 117 -11.00 5.50 1.30
C ILE A 117 -10.63 4.14 1.90
N LEU A 118 -11.11 3.06 1.29
CA LEU A 118 -10.77 1.69 1.73
C LEU A 118 -9.28 1.37 1.60
N ASP A 119 -8.58 2.10 0.73
CA ASP A 119 -7.13 1.92 0.55
C ASP A 119 -6.27 2.80 1.49
N LEU A 120 -6.90 3.64 2.30
CA LEU A 120 -6.16 4.40 3.33
C LEU A 120 -5.51 3.51 4.39
N ARG A 121 -4.23 3.76 4.68
CA ARG A 121 -3.57 3.05 5.75
C ARG A 121 -3.87 3.80 7.03
N LEU A 122 -3.84 3.09 8.15
CA LEU A 122 -4.15 3.69 9.45
C LEU A 122 -3.26 4.87 9.77
N GLN A 123 -2.00 4.78 9.37
CA GLN A 123 -1.04 5.86 9.61
C GLN A 123 -1.53 7.22 9.07
N LYS A 124 -2.38 7.17 8.04
CA LYS A 124 -2.94 8.38 7.41
C LYS A 124 -3.84 9.16 8.36
N LEU A 125 -4.26 8.53 9.45
CA LEU A 125 -5.10 9.17 10.46
C LEU A 125 -4.35 10.09 11.44
N THR A 126 -3.03 9.95 11.53
CA THR A 126 -2.26 10.77 12.47
C THR A 126 -2.35 12.24 12.05
N GLY A 127 -2.15 13.15 13.01
CA GLY A 127 -2.34 14.56 12.76
C GLY A 127 -1.57 15.08 11.55
N LEU A 128 -0.26 14.83 11.53
CA LEU A 128 0.59 15.37 10.47
C LEU A 128 0.23 14.81 9.09
N GLU A 129 -0.16 13.53 9.03
CA GLU A 129 -0.55 12.95 7.76
C GLU A 129 -1.87 13.54 7.28
N HIS A 130 -2.79 13.75 8.21
CA HIS A 130 -4.06 14.37 7.89
C HIS A 130 -3.83 15.82 7.38
N GLU A 131 -2.98 16.57 8.10
N GLU A 131 -2.98 16.57 8.09
CA GLU A 131 -2.67 17.94 7.70
C GLU A 131 -1.95 18.02 6.37
N LYS A 132 -1.03 17.10 6.11
CA LYS A 132 -0.35 17.06 4.83
C LYS A 132 -1.32 16.82 3.68
N LEU A 133 -2.30 15.95 3.89
CA LEU A 133 -3.29 15.69 2.85
C LEU A 133 -4.13 16.94 2.60
N LEU A 134 -4.58 17.59 3.67
CA LEU A 134 -5.37 18.80 3.53
C LEU A 134 -4.54 19.92 2.87
N ASP A 135 -3.24 19.96 3.19
CA ASP A 135 -2.36 20.95 2.56
C ASP A 135 -2.33 20.75 1.04
N GLU A 136 -2.19 19.50 0.60
CA GLU A 136 -2.14 19.26 -0.84
C GLU A 136 -3.46 19.60 -1.50
N TYR A 137 -4.56 19.27 -0.84
CA TYR A 137 -5.90 19.54 -1.40
C TYR A 137 -6.15 21.05 -1.48
N LYS A 138 -5.79 21.79 -0.43
CA LYS A 138 -5.91 23.24 -0.43
C LYS A 138 -5.10 23.87 -1.55
N GLU A 139 -3.85 23.42 -1.70
CA GLU A 139 -2.98 23.93 -2.76
C GLU A 139 -3.58 23.68 -4.14
N LEU A 140 -4.19 22.52 -4.31
CA LEU A 140 -4.81 22.18 -5.59
C LEU A 140 -5.99 23.10 -5.88
N LEU A 141 -6.78 23.41 -4.85
CA LEU A 141 -7.90 24.33 -5.03
C LEU A 141 -7.42 25.70 -5.52
N ASP A 142 -6.33 26.19 -4.95
CA ASP A 142 -5.76 27.46 -5.40
C ASP A 142 -5.24 27.36 -6.82
N GLN A 143 -4.62 26.22 -7.12
CA GLN A 143 -4.06 25.94 -8.44
C GLN A 143 -5.20 25.94 -9.46
N ILE A 144 -6.27 25.25 -9.12
CA ILE A 144 -7.46 25.14 -9.96
C ILE A 144 -8.11 26.49 -10.22
N ALA A 145 -8.29 27.28 -9.16
CA ALA A 145 -8.88 28.61 -9.31
C ALA A 145 -8.07 29.50 -10.24
N GLU A 146 -6.74 29.40 -10.17
CA GLU A 146 -5.89 30.19 -11.05
C GLU A 146 -5.98 29.73 -12.51
N LEU A 147 -5.92 28.42 -12.73
CA LEU A 147 -6.06 27.83 -14.06
C LEU A 147 -7.38 28.27 -14.70
N LEU A 148 -8.41 28.33 -13.88
CA LEU A 148 -9.70 28.85 -14.32
C LEU A 148 -9.61 30.32 -14.69
N ARG A 149 -8.98 31.12 -13.81
CA ARG A 149 -8.82 32.57 -14.07
C ARG A 149 -8.13 32.85 -15.40
N ILE A 150 -7.17 31.99 -15.75
CA ILE A 150 -6.46 32.08 -17.04
C ILE A 150 -7.45 31.96 -18.21
N LEU A 151 -8.72 31.70 -17.87
CA LEU A 151 -9.81 31.60 -18.83
C LEU A 151 -10.98 32.57 -18.53
N GLY A 152 -10.79 33.90 -18.68
CA GLY A 152 -9.52 34.53 -18.99
C GLY A 152 -9.38 35.03 -20.41
N SER A 153 -9.27 34.09 -21.34
CA SER A 153 -8.84 34.42 -22.71
C SER A 153 -9.93 35.05 -23.57
N ALA A 154 -9.61 35.23 -24.85
CA ALA A 154 -10.54 35.83 -25.80
C ALA A 154 -11.80 34.98 -25.98
N ASP A 155 -12.96 35.63 -25.98
CA ASP A 155 -14.21 34.96 -26.32
C ASP A 155 -14.50 35.21 -27.79
N ARG A 156 -13.85 36.23 -28.36
N THR B 22 16.12 -32.01 7.46
CA THR B 22 16.38 -31.02 8.50
C THR B 22 17.57 -30.13 8.16
N ARG B 23 17.77 -29.10 8.98
CA ARG B 23 18.65 -27.98 8.62
C ARG B 23 17.79 -27.14 7.68
N ARG B 24 16.52 -27.50 7.63
CA ARG B 24 15.54 -26.92 6.72
C ARG B 24 14.16 -27.00 7.38
N THR B 25 14.06 -27.84 8.41
CA THR B 25 12.91 -27.81 9.32
C THR B 25 12.99 -26.57 10.19
N ILE B 26 14.22 -26.28 10.63
CA ILE B 26 14.55 -25.04 11.33
C ILE B 26 14.25 -23.83 10.44
N PHE B 27 14.58 -23.93 9.16
CA PHE B 27 14.32 -22.87 8.20
C PHE B 27 12.82 -22.54 8.11
N GLU B 28 11.98 -23.59 8.06
CA GLU B 28 10.53 -23.40 7.97
C GLU B 28 9.92 -22.89 9.26
N LEU B 29 10.43 -23.36 10.40
CA LEU B 29 9.92 -22.95 11.72
C LEU B 29 10.19 -21.48 11.98
N ARG B 30 11.36 -21.03 11.53
CA ARG B 30 11.79 -19.66 11.69
C ARG B 30 10.90 -18.72 10.90
N LYS B 31 10.55 -19.12 9.68
CA LYS B 31 9.74 -18.26 8.82
C LYS B 31 8.26 -18.32 9.19
N ALA B 32 7.84 -19.43 9.80
CA ALA B 32 6.47 -19.50 10.31
C ALA B 32 6.33 -18.56 11.50
N ARG B 33 7.34 -18.57 12.37
CA ARG B 33 7.37 -17.68 13.53
C ARG B 33 7.48 -16.20 13.12
N ASP B 34 8.28 -15.92 12.09
CA ASP B 34 8.41 -14.55 11.59
C ASP B 34 7.09 -14.00 11.04
N ARG B 35 6.40 -14.79 10.21
CA ARG B 35 5.09 -14.37 9.69
C ARG B 35 4.03 -14.31 10.79
N ALA B 36 4.04 -15.28 11.70
CA ALA B 36 3.08 -15.29 12.80
C ALA B 36 3.26 -14.08 13.72
N HIS B 37 4.51 -13.64 13.90
CA HIS B 37 4.83 -12.49 14.74
C HIS B 37 4.15 -11.21 14.23
N ILE B 38 4.13 -11.03 12.91
CA ILE B 38 3.44 -9.86 12.35
C ILE B 38 1.92 -9.99 12.43
N LEU B 39 1.40 -11.17 12.08
CA LEU B 39 -0.05 -11.39 12.14
C LEU B 39 -0.57 -11.30 13.58
N GLU B 40 0.26 -11.69 14.53
CA GLU B 40 -0.12 -11.65 15.94
C GLU B 40 -0.35 -10.22 16.39
N ALA B 41 0.51 -9.32 15.95
CA ALA B 41 0.34 -7.90 16.25
C ALA B 41 -0.96 -7.37 15.65
N LEU B 42 -1.24 -7.78 14.42
CA LEU B 42 -2.46 -7.36 13.74
C LEU B 42 -3.68 -7.93 14.45
N ALA B 43 -3.55 -9.18 14.92
CA ALA B 43 -4.65 -9.79 15.67
C ALA B 43 -4.95 -9.05 16.97
N VAL B 44 -3.91 -8.72 17.72
CA VAL B 44 -4.05 -7.97 18.97
C VAL B 44 -4.69 -6.61 18.65
N ALA B 45 -4.17 -5.93 17.63
CA ALA B 45 -4.79 -4.67 17.17
C ALA B 45 -6.29 -4.78 16.85
N LEU B 46 -6.69 -5.85 16.17
CA LEU B 46 -8.09 -6.03 15.80
C LEU B 46 -8.95 -6.29 17.03
N ALA B 47 -8.37 -6.96 18.01
CA ALA B 47 -9.08 -7.23 19.27
C ALA B 47 -9.25 -5.94 20.06
N ASN B 48 -8.47 -4.91 19.69
CA ASN B 48 -8.49 -3.64 20.41
C ASN B 48 -8.72 -2.46 19.48
N ILE B 49 -9.54 -2.66 18.45
CA ILE B 49 -9.56 -1.71 17.34
C ILE B 49 -10.01 -0.29 17.73
N ASP B 50 -10.98 -0.19 18.64
CA ASP B 50 -11.43 1.13 19.08
C ASP B 50 -10.30 1.96 19.71
N PRO B 51 -9.65 1.45 20.79
CA PRO B 51 -8.54 2.20 21.39
C PRO B 51 -7.33 2.35 20.48
N ILE B 52 -7.09 1.36 19.60
CA ILE B 52 -5.99 1.48 18.64
C ILE B 52 -6.18 2.70 17.71
N ILE B 53 -7.36 2.80 17.10
CA ILE B 53 -7.70 3.93 16.23
C ILE B 53 -7.63 5.27 16.97
N GLU B 54 -8.20 5.33 18.17
CA GLU B 54 -8.16 6.54 18.99
C GLU B 54 -6.72 6.98 19.24
N LEU B 55 -5.85 6.03 19.55
CA LEU B 55 -4.42 6.32 19.78
C LEU B 55 -3.77 6.94 18.54
N ILE B 56 -4.03 6.34 17.39
CA ILE B 56 -3.40 6.76 16.14
C ILE B 56 -3.91 8.15 15.72
N ARG B 57 -5.21 8.37 15.87
CA ARG B 57 -5.81 9.68 15.60
CA ARG B 57 -5.78 9.69 15.57
C ARG B 57 -5.24 10.78 16.49
N HIS B 58 -5.06 10.44 17.76
CA HIS B 58 -4.57 11.41 18.73
C HIS B 58 -3.11 11.76 18.42
N ALA B 59 -2.36 10.81 17.89
CA ALA B 59 -0.93 10.99 17.68
C ALA B 59 -0.67 12.11 16.69
N PRO B 60 0.20 13.06 17.06
CA PRO B 60 0.45 14.13 16.09
C PRO B 60 1.30 13.69 14.88
N THR B 61 2.05 12.59 15.01
CA THR B 61 2.86 12.07 13.88
C THR B 61 2.89 10.53 13.87
N PRO B 62 3.27 9.92 12.73
CA PRO B 62 3.47 8.46 12.71
C PRO B 62 4.48 7.98 13.76
N ALA B 63 5.58 8.71 13.91
CA ALA B 63 6.58 8.37 14.92
C ALA B 63 5.98 8.35 16.33
N GLU B 64 5.15 9.34 16.65
CA GLU B 64 4.51 9.37 17.96
C GLU B 64 3.45 8.27 18.13
N ALA B 65 2.76 7.91 17.04
CA ALA B 65 1.83 6.79 17.09
C ALA B 65 2.57 5.49 17.43
N LYS B 66 3.71 5.27 16.77
CA LYS B 66 4.52 4.06 17.01
C LYS B 66 4.98 4.02 18.45
N THR B 67 5.44 5.17 18.94
CA THR B 67 5.87 5.26 20.34
C THR B 67 4.74 4.91 21.32
N ALA B 68 3.56 5.47 21.08
CA ALA B 68 2.41 5.23 21.93
C ALA B 68 1.90 3.80 21.85
N LEU B 69 1.95 3.19 20.65
CA LEU B 69 1.57 1.79 20.49
C LEU B 69 2.49 0.87 21.31
N VAL B 70 3.79 1.16 21.29
CA VAL B 70 4.78 0.34 22.00
C VAL B 70 4.75 0.59 23.51
N ALA B 71 4.39 1.81 23.90
CA ALA B 71 4.52 2.23 25.28
C ALA B 71 3.54 1.58 26.26
N ASN B 72 2.46 1.00 25.75
CA ASN B 72 1.46 0.43 26.65
C ASN B 72 0.99 -0.98 26.25
N PRO B 73 0.79 -1.84 27.25
CA PRO B 73 0.36 -3.23 27.05
C PRO B 73 -1.05 -3.27 26.51
N TRP B 74 -1.35 -4.28 25.69
CA TRP B 74 -2.69 -4.42 25.13
C TRP B 74 -3.35 -5.69 25.65
N GLN B 75 -4.65 -5.61 25.90
CA GLN B 75 -5.44 -6.81 26.23
C GLN B 75 -5.40 -7.77 25.06
N LEU B 76 -5.34 -9.06 25.37
CA LEU B 76 -5.24 -10.09 24.34
C LEU B 76 -6.56 -10.29 23.64
N GLY B 77 -7.66 -10.10 24.38
CA GLY B 77 -8.98 -10.39 23.84
C GLY B 77 -9.05 -11.85 23.41
N ASN B 78 -9.54 -12.07 22.19
CA ASN B 78 -9.69 -13.43 21.67
C ASN B 78 -8.39 -14.10 21.26
N VAL B 79 -7.30 -13.34 21.24
CA VAL B 79 -6.00 -13.91 20.90
C VAL B 79 -5.51 -14.92 21.95
N ALA B 80 -5.93 -14.74 23.19
CA ALA B 80 -5.51 -15.64 24.27
C ALA B 80 -5.98 -17.05 23.99
N ALA B 81 -7.22 -17.18 23.52
CA ALA B 81 -7.78 -18.47 23.16
C ALA B 81 -7.07 -19.05 21.95
N MET B 82 -6.67 -18.19 21.00
CA MET B 82 -5.94 -18.66 19.83
C MET B 82 -4.58 -19.22 20.21
N LEU B 83 -3.93 -18.60 21.20
CA LEU B 83 -2.61 -19.02 21.66
C LEU B 83 -2.60 -20.43 22.28
N GLU B 84 -3.78 -20.99 22.51
CA GLU B 84 -3.87 -22.35 23.04
C GLU B 84 -3.61 -23.40 21.96
N ARG B 85 -3.59 -22.97 20.71
CA ARG B 85 -3.33 -23.85 19.58
C ARG B 85 -1.87 -24.31 19.53
N ALA B 86 -1.07 -23.80 20.45
CA ALA B 86 0.34 -24.21 20.57
C ALA B 86 0.80 -24.10 22.01
N GLY B 87 1.99 -24.63 22.29
CA GLY B 87 2.57 -24.54 23.62
C GLY B 87 2.83 -23.11 24.04
N ASP B 88 3.17 -22.92 25.32
CA ASP B 88 3.45 -21.58 25.82
C ASP B 88 4.62 -20.96 25.06
N ASP B 89 4.37 -19.79 24.46
CA ASP B 89 5.39 -19.05 23.73
C ASP B 89 6.01 -19.81 22.56
N ALA B 90 5.27 -20.80 22.05
CA ALA B 90 5.73 -21.63 20.94
C ALA B 90 5.93 -20.84 19.65
N ALA B 91 5.19 -19.75 19.48
CA ALA B 91 5.28 -18.95 18.26
C ALA B 91 6.29 -17.80 18.39
N ARG B 92 6.86 -17.66 19.57
CA ARG B 92 7.76 -16.55 19.86
C ARG B 92 9.08 -16.69 19.11
N PRO B 93 9.43 -15.70 18.27
CA PRO B 93 10.74 -15.74 17.59
C PRO B 93 11.89 -15.79 18.58
N GLU B 94 12.94 -16.53 18.23
CA GLU B 94 14.07 -16.70 19.12
C GLU B 94 14.77 -15.37 19.44
N TRP B 95 14.79 -14.45 18.48
CA TRP B 95 15.51 -13.19 18.67
C TRP B 95 14.74 -12.16 19.48
N LEU B 96 13.46 -12.45 19.76
CA LEU B 96 12.59 -11.47 20.43
C LEU B 96 12.96 -11.30 21.91
N GLU B 97 13.32 -10.08 22.29
CA GLU B 97 13.69 -9.77 23.68
C GLU B 97 12.54 -10.05 24.64
N PRO B 98 12.85 -10.38 25.91
CA PRO B 98 11.79 -10.79 26.84
C PRO B 98 10.82 -9.66 27.22
N GLU B 99 11.25 -8.41 27.07
CA GLU B 99 10.37 -7.26 27.35
C GLU B 99 9.22 -7.15 26.34
N PHE B 100 9.31 -7.87 25.23
CA PHE B 100 8.23 -7.88 24.22
C PHE B 100 7.43 -9.18 24.23
N GLY B 101 6.20 -9.10 23.74
CA GLY B 101 5.36 -10.28 23.59
C GLY B 101 4.31 -10.38 24.69
N VAL B 102 3.87 -11.59 24.99
CA VAL B 102 2.88 -11.78 26.04
C VAL B 102 3.56 -11.82 27.39
N ARG B 103 3.24 -10.84 28.23
CA ARG B 103 3.80 -10.79 29.57
C ARG B 103 2.68 -10.53 30.55
N ASP B 104 2.37 -11.54 31.36
CA ASP B 104 1.35 -11.42 32.40
C ASP B 104 -0.01 -11.12 31.80
N GLY B 105 -0.35 -11.82 30.72
CA GLY B 105 -1.65 -11.70 30.12
C GLY B 105 -1.83 -10.44 29.28
N LEU B 106 -0.74 -9.70 29.07
CA LEU B 106 -0.79 -8.46 28.26
C LEU B 106 0.22 -8.51 27.13
N TYR B 107 -0.07 -7.79 26.04
CA TYR B 107 0.81 -7.81 24.87
C TYR B 107 1.67 -6.56 24.71
N TYR B 108 2.97 -6.79 24.57
CA TYR B 108 3.95 -5.72 24.42
C TYR B 108 4.54 -5.72 23.00
N LEU B 109 4.09 -4.78 22.18
CA LEU B 109 4.45 -4.69 20.77
C LEU B 109 5.87 -4.19 20.57
N THR B 110 6.52 -4.68 19.51
CA THR B 110 7.77 -4.09 19.06
C THR B 110 7.47 -2.90 18.17
N GLU B 111 8.50 -2.10 17.87
CA GLU B 111 8.33 -0.99 16.94
C GLU B 111 7.95 -1.50 15.56
N GLN B 112 8.53 -2.63 15.18
CA GLN B 112 8.22 -3.19 13.86
C GLN B 112 6.78 -3.65 13.79
N GLN B 113 6.29 -4.22 14.89
CA GLN B 113 4.88 -4.61 14.95
C GLN B 113 3.97 -3.40 14.91
N ALA B 114 4.35 -2.33 15.62
CA ALA B 114 3.54 -1.11 15.61
C ALA B 114 3.43 -0.56 14.18
N GLN B 115 4.53 -0.59 13.44
CA GLN B 115 4.54 -0.12 12.06
C GLN B 115 3.61 -0.96 11.18
N ALA B 116 3.54 -2.26 11.46
CA ALA B 116 2.63 -3.14 10.71
C ALA B 116 1.17 -2.74 10.94
N ILE B 117 0.87 -2.37 12.18
CA ILE B 117 -0.49 -1.91 12.50
C ILE B 117 -0.79 -0.61 11.72
N LEU B 118 0.16 0.33 11.74
CA LEU B 118 0.02 1.60 11.00
C LEU B 118 -0.09 1.42 9.48
N ASP B 119 0.45 0.31 8.98
CA ASP B 119 0.39 -0.05 7.56
C ASP B 119 -0.92 -0.71 7.11
N LEU B 120 -1.78 -1.05 8.06
CA LEU B 120 -3.07 -1.67 7.72
C LEU B 120 -3.99 -0.72 6.94
N ARG B 121 -4.54 -1.18 5.82
CA ARG B 121 -5.51 -0.41 5.05
C ARG B 121 -6.88 -0.61 5.68
N LEU B 122 -7.74 0.41 5.59
CA LEU B 122 -9.06 0.37 6.24
C LEU B 122 -9.87 -0.83 5.81
N GLN B 123 -9.63 -1.26 4.58
CA GLN B 123 -10.37 -2.38 4.00
C GLN B 123 -10.13 -3.69 4.76
N LYS B 124 -8.99 -3.80 5.45
CA LYS B 124 -8.67 -4.98 6.27
C LYS B 124 -9.58 -5.12 7.49
N LEU B 125 -10.37 -4.08 7.80
CA LEU B 125 -11.27 -4.09 8.95
C LEU B 125 -12.63 -4.70 8.63
N THR B 126 -12.92 -4.96 7.35
CA THR B 126 -14.17 -5.62 6.99
C THR B 126 -14.18 -7.04 7.55
N GLY B 127 -15.38 -7.61 7.70
CA GLY B 127 -15.52 -8.90 8.35
C GLY B 127 -14.70 -10.03 7.75
N LEU B 128 -14.79 -10.22 6.44
CA LEU B 128 -14.08 -11.32 5.77
C LEU B 128 -12.55 -11.13 5.78
N GLU B 129 -12.09 -9.88 5.70
CA GLU B 129 -10.65 -9.62 5.71
C GLU B 129 -10.04 -9.87 7.10
N HIS B 130 -10.77 -9.44 8.12
CA HIS B 130 -10.49 -9.69 9.52
C HIS B 130 -10.39 -11.21 9.76
N GLU B 131 -11.40 -11.96 9.31
CA GLU B 131 -11.39 -13.42 9.47
C GLU B 131 -10.26 -14.11 8.72
N LYS B 132 -9.90 -13.61 7.54
CA LYS B 132 -8.84 -14.25 6.75
C LYS B 132 -7.50 -14.10 7.44
N LEU B 133 -7.30 -12.95 8.08
CA LEU B 133 -6.08 -12.69 8.81
C LEU B 133 -5.96 -13.61 10.04
N LEU B 134 -7.04 -13.70 10.81
CA LEU B 134 -7.08 -14.59 11.98
C LEU B 134 -6.87 -16.04 11.56
N ASP B 135 -7.49 -16.45 10.45
CA ASP B 135 -7.32 -17.82 9.95
C ASP B 135 -5.89 -18.17 9.56
N GLU B 136 -5.16 -17.21 8.98
CA GLU B 136 -3.76 -17.49 8.63
C GLU B 136 -2.92 -17.54 9.90
N TYR B 137 -3.24 -16.67 10.86
CA TYR B 137 -2.53 -16.69 12.13
C TYR B 137 -2.75 -18.03 12.85
N LYS B 138 -3.99 -18.49 12.86
CA LYS B 138 -4.36 -19.80 13.41
C LYS B 138 -3.64 -20.94 12.71
N GLU B 139 -3.58 -20.87 11.39
CA GLU B 139 -2.90 -21.90 10.59
C GLU B 139 -1.42 -21.99 10.95
N LEU B 140 -0.77 -20.84 11.07
CA LEU B 140 0.64 -20.79 11.42
C LEU B 140 0.87 -21.37 12.81
N LEU B 141 0.02 -21.01 13.76
CA LEU B 141 0.07 -21.58 15.10
C LEU B 141 0.00 -23.11 15.04
N ASP B 142 -0.78 -23.63 14.10
CA ASP B 142 -0.86 -25.07 13.88
C ASP B 142 0.43 -25.64 13.28
N GLN B 143 0.98 -24.95 12.29
CA GLN B 143 2.23 -25.38 11.65
C GLN B 143 3.38 -25.36 12.64
N ILE B 144 3.51 -24.23 13.33
CA ILE B 144 4.53 -24.04 14.35
C ILE B 144 4.49 -25.16 15.40
N ALA B 145 3.31 -25.43 15.94
CA ALA B 145 3.13 -26.49 16.93
C ALA B 145 3.54 -27.85 16.38
N GLU B 146 3.33 -28.05 15.07
CA GLU B 146 3.73 -29.30 14.43
C GLU B 146 5.24 -29.36 14.20
N LEU B 147 5.80 -28.30 13.63
CA LEU B 147 7.25 -28.23 13.39
C LEU B 147 8.03 -28.41 14.70
N LEU B 148 7.45 -27.92 15.79
CA LEU B 148 8.01 -28.13 17.11
C LEU B 148 8.13 -29.61 17.46
N ARG B 149 7.00 -30.32 17.49
CA ARG B 149 7.05 -31.75 17.88
C ARG B 149 7.91 -32.61 16.94
N ILE B 150 8.02 -32.21 15.68
CA ILE B 150 8.96 -32.86 14.75
C ILE B 150 10.39 -32.73 15.29
N LEU B 151 10.67 -31.62 15.97
CA LEU B 151 11.96 -31.45 16.63
C LEU B 151 12.02 -32.32 17.90
N GLY B 152 12.61 -33.50 17.73
CA GLY B 152 12.76 -34.50 18.77
C GLY B 152 12.03 -35.79 18.41
N SER B 153 12.54 -36.62 17.48
CA SER B 153 13.84 -36.55 16.80
C SER B 153 15.10 -36.74 17.68
N ALA B 154 16.15 -37.30 17.09
CA ALA B 154 17.29 -37.82 17.84
C ALA B 154 18.18 -36.76 18.50
N ASP B 155 18.46 -36.96 19.79
CA ASP B 155 19.32 -36.08 20.56
C ASP B 155 20.77 -36.60 20.56
N ARG B 156 20.95 -37.89 20.32
N SER C 2 18.31 -6.47 2.07
CA SER C 2 17.56 -6.08 3.27
C SER C 2 16.75 -4.82 2.99
N GLN C 3 15.54 -4.74 3.54
CA GLN C 3 14.65 -3.64 3.17
C GLN C 3 15.22 -2.27 3.54
N PHE C 4 15.22 -1.37 2.57
CA PHE C 4 15.72 0.01 2.71
C PHE C 4 17.24 0.14 2.69
N THR C 5 17.94 -0.95 2.43
CA THR C 5 19.39 -0.87 2.25
C THR C 5 19.64 -0.27 0.87
N LEU C 6 20.66 0.59 0.79
CA LEU C 6 21.02 1.26 -0.44
C LEU C 6 22.23 0.54 -1.03
N TYR C 7 22.11 0.15 -2.30
CA TYR C 7 23.15 -0.61 -2.96
C TYR C 7 23.73 0.17 -4.12
N LYS C 8 25.03 0.01 -4.32
CA LYS C 8 25.73 0.59 -5.45
C LYS C 8 25.41 -0.17 -6.73
N ASN C 9 25.12 0.58 -7.79
CA ASN C 9 24.89 -0.01 -9.11
C ASN C 9 26.23 -0.31 -9.78
N LYS C 10 26.48 -1.58 -10.03
CA LYS C 10 27.77 -2.04 -10.54
C LYS C 10 27.83 -2.01 -12.07
N ASP C 11 26.70 -1.73 -12.71
CA ASP C 11 26.65 -1.64 -14.15
C ASP C 11 27.19 -0.30 -14.62
N LYS C 12 28.39 -0.31 -15.20
CA LYS C 12 29.05 0.92 -15.63
C LYS C 12 28.21 1.72 -16.63
N SER C 13 27.43 1.02 -17.44
CA SER C 13 26.62 1.65 -18.48
C SER C 13 25.45 2.45 -17.90
N SER C 14 25.01 2.10 -16.70
CA SER C 14 23.85 2.75 -16.09
C SER C 14 24.17 3.45 -14.77
N ALA C 15 25.38 3.23 -14.25
CA ALA C 15 25.74 3.73 -12.93
C ALA C 15 25.77 5.26 -12.87
N LYS C 16 26.05 5.92 -13.98
CA LYS C 16 26.08 7.38 -13.98
C LYS C 16 24.71 7.98 -13.69
N THR C 17 23.70 7.53 -14.43
CA THR C 17 22.34 8.03 -14.26
C THR C 17 21.63 7.34 -13.09
N TYR C 18 22.02 6.10 -12.82
CA TYR C 18 21.43 5.34 -11.74
C TYR C 18 22.48 4.74 -10.80
N PRO C 19 23.17 5.61 -10.03
CA PRO C 19 24.31 5.24 -9.18
C PRO C 19 23.96 4.25 -8.10
N TYR C 20 22.71 4.27 -7.62
CA TYR C 20 22.28 3.44 -6.51
C TYR C 20 20.86 2.95 -6.68
N PHE C 21 20.53 1.89 -5.95
CA PHE C 21 19.15 1.47 -5.88
C PHE C 21 18.82 1.01 -4.46
N VAL C 22 17.57 1.19 -4.05
CA VAL C 22 17.16 0.85 -2.70
C VAL C 22 16.27 -0.39 -2.73
N ASP C 23 16.58 -1.38 -1.89
CA ASP C 23 15.72 -2.55 -1.75
C ASP C 23 14.44 -2.11 -1.03
N VAL C 24 13.27 -2.32 -1.63
CA VAL C 24 12.02 -1.97 -0.95
C VAL C 24 11.16 -3.18 -0.62
N GLN C 25 11.73 -4.36 -0.78
CA GLN C 25 11.00 -5.59 -0.53
C GLN C 25 11.04 -5.99 0.95
N SER C 26 9.92 -6.49 1.45
CA SER C 26 9.83 -6.96 2.83
C SER C 26 10.85 -8.06 3.14
N ASP C 27 11.49 -7.98 4.30
CA ASP C 27 12.48 -8.99 4.67
C ASP C 27 11.86 -10.37 4.88
N LEU C 28 10.54 -10.42 5.09
CA LEU C 28 9.85 -11.69 5.28
C LEU C 28 9.88 -12.54 4.01
N LEU C 29 10.20 -11.89 2.89
CA LEU C 29 10.29 -12.57 1.60
C LEU C 29 11.75 -12.79 1.15
N ASP C 30 12.70 -12.70 2.08
CA ASP C 30 14.12 -12.83 1.70
C ASP C 30 14.51 -14.19 1.10
N ASN C 31 13.57 -15.13 1.12
CA ASN C 31 13.77 -16.45 0.51
C ASN C 31 13.76 -16.38 -1.02
N LEU C 32 13.14 -15.32 -1.55
CA LEU C 32 13.06 -15.09 -2.99
C LEU C 32 14.45 -14.82 -3.59
N ASN C 33 14.63 -15.18 -4.85
CA ASN C 33 15.88 -14.97 -5.57
C ASN C 33 15.88 -13.63 -6.28
N THR C 34 14.82 -12.83 -6.09
CA THR C 34 14.75 -11.50 -6.68
C THR C 34 14.44 -10.48 -5.62
N ARG C 35 14.71 -9.21 -5.92
CA ARG C 35 14.35 -8.09 -5.04
C ARG C 35 13.70 -6.96 -5.83
N LEU C 36 12.62 -6.42 -5.29
CA LEU C 36 12.03 -5.22 -5.84
C LEU C 36 12.89 -4.04 -5.39
N VAL C 37 13.39 -3.27 -6.35
CA VAL C 37 14.23 -2.12 -6.01
C VAL C 37 13.79 -0.85 -6.73
N ILE C 38 14.18 0.29 -6.16
CA ILE C 38 13.91 1.59 -6.77
C ILE C 38 15.24 2.32 -7.02
N PRO C 39 15.48 2.73 -8.29
CA PRO C 39 16.73 3.41 -8.59
C PRO C 39 16.75 4.86 -8.09
N LEU C 40 17.93 5.34 -7.72
CA LEU C 40 18.13 6.75 -7.39
C LEU C 40 18.87 7.41 -8.55
N THR C 41 18.53 8.66 -8.85
CA THR C 41 19.27 9.42 -9.86
C THR C 41 19.66 10.75 -9.25
N PRO C 42 20.86 11.26 -9.61
CA PRO C 42 21.26 12.57 -9.07
C PRO C 42 20.26 13.66 -9.47
N ILE C 43 19.97 14.59 -8.56
CA ILE C 43 19.08 15.70 -8.86
C ILE C 43 19.57 16.46 -10.10
N GLU C 44 20.90 16.62 -10.16
CA GLU C 44 21.71 16.94 -11.35
C GLU C 44 22.97 17.69 -10.94
N PRO C 51 7.67 15.67 -9.74
CA PRO C 51 6.49 15.17 -9.04
C PRO C 51 6.87 14.69 -7.64
N SER C 52 6.82 15.61 -6.68
CA SER C 52 7.36 15.39 -5.33
C SER C 52 6.79 14.18 -4.54
N HIS C 53 5.47 14.00 -4.59
CA HIS C 53 4.81 12.91 -3.88
C HIS C 53 5.24 11.54 -4.46
N LEU C 54 5.41 11.49 -5.77
CA LEU C 54 5.86 10.25 -6.43
C LEU C 54 7.37 9.98 -6.29
N CYS C 55 8.16 11.05 -6.28
CA CYS C 55 9.62 10.94 -6.38
C CYS C 55 10.31 11.71 -5.26
N PRO C 56 10.44 11.09 -4.09
CA PRO C 56 10.96 11.78 -2.91
C PRO C 56 12.41 12.21 -3.13
N THR C 57 12.75 13.35 -2.54
CA THR C 57 14.12 13.85 -2.59
C THR C 57 14.92 13.19 -1.48
N ILE C 58 16.12 12.72 -1.80
CA ILE C 58 16.91 11.97 -0.83
C ILE C 58 18.26 12.64 -0.66
N HIS C 59 18.46 13.31 0.48
CA HIS C 59 19.75 13.93 0.77
C HIS C 59 20.54 13.04 1.74
N ILE C 60 21.59 12.40 1.24
CA ILE C 60 22.38 11.49 2.07
C ILE C 60 23.86 11.80 1.92
N ASP C 61 24.71 11.04 2.60
CA ASP C 61 26.14 11.30 2.55
C ASP C 61 26.68 11.07 1.13
N GLU C 62 26.05 10.17 0.40
CA GLU C 62 26.46 9.83 -0.96
C GLU C 62 26.18 10.96 -1.95
N GLY C 63 25.20 11.81 -1.64
CA GLY C 63 24.87 12.94 -2.50
C GLY C 63 23.40 13.30 -2.41
N ASP C 64 22.90 14.03 -3.41
CA ASP C 64 21.51 14.50 -3.42
C ASP C 64 20.77 13.84 -4.57
N PHE C 65 19.77 13.03 -4.27
CA PHE C 65 19.12 12.21 -5.29
C PHE C 65 17.61 12.32 -5.30
N ILE C 66 17.03 11.81 -6.36
CA ILE C 66 15.59 11.63 -6.42
C ILE C 66 15.33 10.15 -6.56
N MET C 67 14.40 9.61 -5.78
CA MET C 67 13.98 8.22 -5.93
C MET C 67 12.97 8.10 -7.04
N LEU C 68 13.32 7.36 -8.08
CA LEU C 68 12.45 7.20 -9.23
C LEU C 68 11.52 6.02 -9.01
N THR C 69 10.52 6.24 -8.16
CA THR C 69 9.57 5.20 -7.77
C THR C 69 8.89 4.54 -8.97
N GLN C 70 8.56 5.35 -9.98
CA GLN C 70 7.89 4.80 -11.15
C GLN C 70 8.80 3.87 -11.95
N GLN C 71 10.11 3.97 -11.75
CA GLN C 71 11.02 3.10 -12.49
C GLN C 71 11.42 1.91 -11.63
N MET C 72 10.59 1.63 -10.63
CA MET C 72 10.81 0.47 -9.77
C MET C 72 10.86 -0.82 -10.59
N THR C 73 11.76 -1.72 -10.19
CA THR C 73 11.96 -2.93 -10.96
C THR C 73 12.44 -4.11 -10.11
N SER C 74 12.22 -5.30 -10.64
CA SER C 74 12.64 -6.53 -9.99
C SER C 74 14.02 -6.92 -10.53
N VAL C 75 14.95 -7.25 -9.63
CA VAL C 75 16.32 -7.56 -10.03
C VAL C 75 16.76 -8.86 -9.35
N PRO C 76 17.70 -9.59 -9.96
CA PRO C 76 18.28 -10.78 -9.34
C PRO C 76 18.97 -10.41 -8.03
N VAL C 77 18.81 -11.24 -7.00
CA VAL C 77 19.35 -10.90 -5.67
C VAL C 77 20.88 -10.79 -5.66
N LYS C 78 21.53 -11.44 -6.63
CA LYS C 78 22.98 -11.46 -6.70
C LYS C 78 23.59 -10.08 -6.98
N ILE C 79 22.84 -9.19 -7.61
CA ILE C 79 23.43 -7.88 -7.93
C ILE C 79 23.38 -6.91 -6.74
N LEU C 80 22.78 -7.34 -5.63
CA LEU C 80 22.81 -6.56 -4.40
C LEU C 80 24.10 -6.88 -3.62
N SER C 81 25.24 -6.62 -4.24
CA SER C 81 26.52 -7.04 -3.65
C SER C 81 27.25 -5.93 -2.90
N GLU C 82 26.86 -4.67 -3.11
CA GLU C 82 27.61 -3.55 -2.53
C GLU C 82 26.73 -2.55 -1.83
N PRO C 83 26.32 -2.86 -0.59
CA PRO C 83 25.52 -1.98 0.25
C PRO C 83 26.38 -0.84 0.77
N VAL C 84 25.83 0.38 0.78
CA VAL C 84 26.64 1.54 1.17
C VAL C 84 25.92 2.38 2.23
N ASN C 85 24.62 2.17 2.36
CA ASN C 85 23.84 3.00 3.25
C ASN C 85 22.53 2.30 3.56
N GLU C 86 21.70 2.95 4.35
CA GLU C 86 20.44 2.35 4.77
C GLU C 86 19.44 3.49 4.95
N LEU C 87 18.27 3.35 4.34
CA LEU C 87 17.36 4.48 4.20
C LEU C 87 16.06 4.32 5.00
N SER C 88 16.12 3.64 6.14
CA SER C 88 14.89 3.41 6.89
C SER C 88 14.23 4.67 7.43
N THR C 89 15.01 5.74 7.64
CA THR C 89 14.39 7.00 8.08
C THR C 89 13.52 7.60 6.97
N PHE C 90 13.65 7.06 5.76
CA PHE C 90 12.81 7.51 4.65
C PHE C 90 11.64 6.56 4.40
N ARG C 91 11.39 5.61 5.30
CA ARG C 91 10.36 4.59 5.05
C ARG C 91 9.01 5.22 4.72
N ASN C 92 8.61 6.22 5.49
CA ASN C 92 7.31 6.86 5.29
C ASN C 92 7.15 7.40 3.87
N GLU C 93 8.17 8.10 3.40
CA GLU C 93 8.17 8.71 2.08
C GLU C 93 8.17 7.64 1.00
N ILE C 94 8.93 6.57 1.23
CA ILE C 94 9.01 5.49 0.24
C ILE C 94 7.68 4.76 0.07
N ILE C 95 7.07 4.37 1.20
CA ILE C 95 5.77 3.70 1.14
C ILE C 95 4.68 4.60 0.56
N ALA C 96 4.66 5.86 0.96
CA ALA C 96 3.72 6.84 0.41
C ALA C 96 3.84 6.95 -1.11
N ALA C 97 5.08 6.97 -1.63
CA ALA C 97 5.30 7.07 -3.08
C ALA C 97 4.78 5.84 -3.81
N ILE C 98 5.06 4.66 -3.27
CA ILE C 98 4.56 3.44 -3.88
C ILE C 98 3.04 3.40 -3.83
N ASP C 99 2.46 3.82 -2.70
CA ASP C 99 1.00 3.85 -2.58
C ASP C 99 0.39 4.80 -3.60
N PHE C 100 1.06 5.90 -3.86
CA PHE C 100 0.57 6.87 -4.84
C PHE C 100 0.62 6.25 -6.23
N LEU C 101 1.72 5.58 -6.53
CA LEU C 101 1.89 4.96 -7.85
C LEU C 101 0.83 3.90 -8.15
N ILE C 102 0.43 3.16 -7.12
CA ILE C 102 -0.49 2.03 -7.30
C ILE C 102 -1.93 2.36 -6.91
N THR C 103 -2.12 2.97 -5.75
CA THR C 103 -3.48 3.23 -5.27
C THR C 103 -3.94 4.65 -5.52
N GLY C 104 -3.03 5.50 -5.99
CA GLY C 104 -3.37 6.88 -6.24
C GLY C 104 -3.59 7.68 -4.96
N ILE C 105 -3.08 7.18 -3.84
CA ILE C 105 -3.27 7.90 -2.57
C ILE C 105 -2.24 9.02 -2.42
N SER D 2 -3.59 1.36 -19.06
CA SER D 2 -4.79 1.67 -18.27
C SER D 2 -4.88 0.70 -17.07
N GLN D 3 -5.18 1.20 -15.86
CA GLN D 3 -5.04 0.36 -14.67
C GLN D 3 -5.88 -0.91 -14.73
N PHE D 4 -5.19 -2.04 -14.54
CA PHE D 4 -5.75 -3.40 -14.62
C PHE D 4 -6.07 -3.87 -16.03
N THR D 5 -5.69 -3.09 -17.04
CA THR D 5 -5.82 -3.58 -18.42
C THR D 5 -4.73 -4.64 -18.63
N LEU D 6 -5.09 -5.71 -19.33
CA LEU D 6 -4.18 -6.82 -19.63
C LEU D 6 -3.64 -6.64 -21.06
N TYR D 7 -2.33 -6.71 -21.22
CA TYR D 7 -1.70 -6.48 -22.52
C TYR D 7 -0.94 -7.69 -23.02
N LYS D 8 -1.03 -7.94 -24.32
CA LYS D 8 -0.27 -8.99 -24.97
C LYS D 8 1.21 -8.59 -25.06
N ASN D 9 2.09 -9.50 -24.62
CA ASN D 9 3.53 -9.31 -24.79
C ASN D 9 3.95 -9.59 -26.23
N LYS D 10 4.52 -8.58 -26.88
CA LYS D 10 4.84 -8.68 -28.29
C LYS D 10 6.28 -9.11 -28.56
N ASP D 11 7.13 -9.02 -27.54
CA ASP D 11 8.51 -9.50 -27.66
C ASP D 11 8.51 -11.01 -27.77
N LYS D 12 8.75 -11.51 -28.99
CA LYS D 12 8.68 -12.94 -29.30
C LYS D 12 9.56 -13.79 -28.39
N SER D 13 10.70 -13.25 -27.99
CA SER D 13 11.63 -13.95 -27.14
C SER D 13 10.97 -14.44 -25.85
N SER D 14 10.38 -13.51 -25.11
CA SER D 14 9.83 -13.80 -23.79
C SER D 14 8.32 -14.07 -23.79
N ALA D 15 7.67 -13.87 -24.93
CA ALA D 15 6.21 -13.96 -25.00
C ALA D 15 5.64 -15.34 -24.66
N LYS D 16 6.48 -16.36 -24.67
CA LYS D 16 6.00 -17.72 -24.39
C LYS D 16 5.84 -17.99 -22.90
N THR D 17 6.82 -17.55 -22.11
CA THR D 17 6.73 -17.69 -20.65
C THR D 17 5.92 -16.54 -20.05
N TYR D 18 6.04 -15.35 -20.64
CA TYR D 18 5.33 -14.18 -20.15
C TYR D 18 4.42 -13.60 -21.24
N PRO D 19 3.35 -14.33 -21.59
CA PRO D 19 2.52 -13.95 -22.75
C PRO D 19 1.73 -12.67 -22.55
N TYR D 20 1.51 -12.28 -21.30
CA TYR D 20 0.74 -11.08 -21.00
C TYR D 20 1.30 -10.35 -19.80
N PHE D 21 0.92 -9.09 -19.68
CA PHE D 21 1.22 -8.34 -18.48
C PHE D 21 0.11 -7.36 -18.15
N VAL D 22 -0.09 -7.11 -16.85
CA VAL D 22 -1.17 -6.25 -16.42
C VAL D 22 -0.60 -4.94 -15.90
N ASP D 23 -1.15 -3.83 -16.38
CA ASP D 23 -0.79 -2.51 -15.90
C ASP D 23 -1.37 -2.35 -14.50
N VAL D 24 -0.54 -2.05 -13.50
CA VAL D 24 -1.04 -1.87 -12.14
C VAL D 24 -0.85 -0.45 -11.65
N GLN D 25 -0.53 0.44 -12.60
CA GLN D 25 -0.25 1.83 -12.25
C GLN D 25 -1.53 2.65 -12.22
N SER D 26 -1.65 3.53 -11.23
CA SER D 26 -2.82 4.40 -11.10
C SER D 26 -3.00 5.31 -12.31
N ASP D 27 -4.24 5.47 -12.75
CA ASP D 27 -4.52 6.26 -13.95
C ASP D 27 -4.23 7.75 -13.72
N LEU D 28 -4.10 8.15 -12.45
CA LEU D 28 -3.71 9.53 -12.12
C LEU D 28 -2.29 9.84 -12.60
N LEU D 29 -1.52 8.82 -12.92
CA LEU D 29 -0.14 9.01 -13.36
C LEU D 29 0.06 8.65 -14.84
N ASP D 30 -1.01 8.71 -15.63
CA ASP D 30 -0.89 8.28 -17.03
C ASP D 30 -0.11 9.28 -17.89
N ASN D 31 0.21 10.43 -17.33
CA ASN D 31 1.07 11.40 -18.02
C ASN D 31 2.51 10.89 -18.14
N LEU D 32 2.91 10.01 -17.22
CA LEU D 32 4.22 9.37 -17.27
C LEU D 32 4.39 8.55 -18.54
N ASN D 33 5.60 8.49 -19.07
CA ASN D 33 5.87 7.70 -20.27
C ASN D 33 6.23 6.25 -19.94
N THR D 34 6.06 5.87 -18.68
CA THR D 34 6.25 4.49 -18.26
C THR D 34 5.02 3.96 -17.50
N ARG D 35 4.90 2.64 -17.44
CA ARG D 35 3.86 2.00 -16.66
C ARG D 35 4.46 0.89 -15.82
N LEU D 36 4.03 0.81 -14.57
CA LEU D 36 4.40 -0.32 -13.73
C LEU D 36 3.50 -1.49 -14.11
N VAL D 37 4.11 -2.61 -14.51
CA VAL D 37 3.30 -3.76 -14.91
C VAL D 37 3.74 -5.04 -14.22
N ILE D 38 2.85 -6.02 -14.19
CA ILE D 38 3.16 -7.34 -13.64
C ILE D 38 2.97 -8.41 -14.71
N PRO D 39 4.00 -9.24 -14.95
CA PRO D 39 3.87 -10.32 -15.95
C PRO D 39 3.00 -11.48 -15.48
N LEU D 40 2.28 -12.10 -16.41
CA LEU D 40 1.55 -13.32 -16.14
C LEU D 40 2.32 -14.46 -16.78
N THR D 41 2.31 -15.63 -16.16
CA THR D 41 2.93 -16.81 -16.76
C THR D 41 1.95 -17.96 -16.66
N PRO D 42 1.91 -18.82 -17.69
CA PRO D 42 0.97 -19.94 -17.66
C PRO D 42 1.27 -20.85 -16.48
N ILE D 43 0.25 -21.43 -15.86
CA ILE D 43 0.43 -22.37 -14.78
C ILE D 43 1.06 -23.68 -15.29
N GLU D 44 1.48 -23.65 -16.56
CA GLU D 44 2.15 -24.76 -17.24
C GLU D 44 1.31 -26.02 -17.18
N PRO D 51 3.49 -19.33 -4.24
CA PRO D 51 2.85 -18.81 -3.02
C PRO D 51 1.61 -17.99 -3.36
N SER D 52 0.44 -18.51 -2.99
CA SER D 52 -0.84 -17.90 -3.37
C SER D 52 -0.98 -16.43 -2.96
N HIS D 53 -0.48 -16.07 -1.78
CA HIS D 53 -0.63 -14.70 -1.30
C HIS D 53 0.18 -13.71 -2.11
N LEU D 54 1.35 -14.15 -2.60
CA LEU D 54 2.21 -13.28 -3.39
C LEU D 54 1.85 -13.34 -4.87
N CYS D 55 1.39 -14.51 -5.30
CA CYS D 55 1.21 -14.80 -6.73
C CYS D 55 -0.19 -15.28 -7.03
N PRO D 56 -1.13 -14.34 -7.23
CA PRO D 56 -2.53 -14.67 -7.46
C PRO D 56 -2.70 -15.54 -8.71
N THR D 57 -3.56 -16.53 -8.60
CA THR D 57 -3.88 -17.35 -9.76
C THR D 57 -4.99 -16.66 -10.54
N ILE D 58 -4.82 -16.60 -11.85
CA ILE D 58 -5.70 -15.83 -12.72
C ILE D 58 -6.32 -16.74 -13.76
N HIS D 59 -7.65 -16.91 -13.70
CA HIS D 59 -8.37 -17.72 -14.68
C HIS D 59 -9.21 -16.81 -15.58
N ILE D 60 -8.78 -16.66 -16.84
CA ILE D 60 -9.49 -15.79 -17.78
C ILE D 60 -9.69 -16.50 -19.12
N ASP D 61 -10.30 -15.81 -20.09
CA ASP D 61 -10.61 -16.41 -21.37
C ASP D 61 -9.33 -16.76 -22.14
N GLU D 62 -8.27 -16.03 -21.85
CA GLU D 62 -6.99 -16.22 -22.51
C GLU D 62 -6.25 -17.46 -21.97
N GLY D 63 -6.66 -17.93 -20.80
CA GLY D 63 -6.07 -19.13 -20.21
C GLY D 63 -5.95 -19.01 -18.71
N ASP D 64 -5.08 -19.83 -18.13
CA ASP D 64 -4.90 -19.82 -16.68
C ASP D 64 -3.46 -19.46 -16.37
N PHE D 65 -3.28 -18.43 -15.55
CA PHE D 65 -1.96 -17.86 -15.32
C PHE D 65 -1.67 -17.64 -13.84
N ILE D 66 -0.39 -17.48 -13.54
CA ILE D 66 0.05 -17.00 -12.23
C ILE D 66 0.53 -15.59 -12.48
N MET D 67 0.07 -14.66 -11.64
CA MET D 67 0.56 -13.29 -11.66
C MET D 67 1.86 -13.22 -10.84
N LEU D 68 2.98 -12.94 -11.51
CA LEU D 68 4.28 -12.93 -10.83
C LEU D 68 4.58 -11.54 -10.27
N THR D 69 3.91 -11.19 -9.17
CA THR D 69 4.01 -9.84 -8.63
C THR D 69 5.44 -9.45 -8.24
N GLN D 70 6.26 -10.43 -7.87
CA GLN D 70 7.64 -10.14 -7.50
C GLN D 70 8.49 -9.81 -8.72
N GLN D 71 7.99 -10.13 -9.91
CA GLN D 71 8.71 -9.80 -11.14
C GLN D 71 8.11 -8.53 -11.76
N MET D 72 7.44 -7.76 -10.93
CA MET D 72 6.85 -6.49 -11.32
C MET D 72 7.98 -5.59 -11.82
N THR D 73 7.72 -4.83 -12.86
CA THR D 73 8.74 -3.97 -13.42
C THR D 73 8.09 -2.82 -14.17
N SER D 74 8.89 -1.79 -14.46
CA SER D 74 8.37 -0.66 -15.21
CA SER D 74 8.42 -0.62 -15.20
C SER D 74 8.81 -0.77 -16.66
N VAL D 75 7.86 -0.50 -17.56
CA VAL D 75 8.14 -0.63 -19.00
C VAL D 75 7.70 0.65 -19.72
N PRO D 76 8.26 0.90 -20.92
CA PRO D 76 7.83 2.07 -21.69
C PRO D 76 6.37 1.95 -22.10
N VAL D 77 5.63 3.06 -22.06
CA VAL D 77 4.20 3.08 -22.40
C VAL D 77 3.91 2.65 -23.84
N LYS D 78 4.92 2.73 -24.71
CA LYS D 78 4.73 2.32 -26.10
C LYS D 78 4.64 0.79 -26.23
N ILE D 79 5.03 0.09 -25.18
CA ILE D 79 4.98 -1.37 -25.12
C ILE D 79 3.52 -1.85 -24.97
N LEU D 80 2.64 -0.95 -24.52
CA LEU D 80 1.23 -1.26 -24.27
C LEU D 80 0.33 -1.06 -25.49
N SER D 81 0.65 -1.70 -26.61
CA SER D 81 -0.10 -1.47 -27.85
C SER D 81 -1.24 -2.45 -28.09
N GLU D 82 -1.26 -3.56 -27.35
CA GLU D 82 -2.24 -4.63 -27.65
C GLU D 82 -3.03 -5.09 -26.43
N PRO D 83 -4.05 -4.31 -26.04
CA PRO D 83 -4.94 -4.65 -24.91
C PRO D 83 -5.85 -5.80 -25.29
N VAL D 84 -6.02 -6.77 -24.42
CA VAL D 84 -6.84 -7.95 -24.77
C VAL D 84 -7.93 -8.27 -23.73
N ASN D 85 -7.77 -7.74 -22.52
CA ASN D 85 -8.70 -8.03 -21.42
C ASN D 85 -8.53 -6.99 -20.32
N GLU D 86 -9.38 -7.05 -19.29
CA GLU D 86 -9.21 -6.19 -18.11
C GLU D 86 -9.43 -6.99 -16.82
N LEU D 87 -8.61 -6.73 -15.81
CA LEU D 87 -8.59 -7.57 -14.61
C LEU D 87 -9.09 -6.84 -13.37
N SER D 88 -9.98 -5.87 -13.53
CA SER D 88 -10.37 -5.04 -12.40
C SER D 88 -11.09 -5.84 -11.30
N THR D 89 -11.71 -6.95 -11.66
CA THR D 89 -12.35 -7.80 -10.65
C THR D 89 -11.31 -8.47 -9.77
N PHE D 90 -10.04 -8.43 -10.20
CA PHE D 90 -8.94 -8.99 -9.40
C PHE D 90 -8.22 -7.91 -8.59
N ARG D 91 -8.76 -6.70 -8.60
CA ARG D 91 -8.07 -5.55 -7.98
C ARG D 91 -7.62 -5.83 -6.56
N ASN D 92 -8.51 -6.39 -5.76
CA ASN D 92 -8.19 -6.58 -4.35
C ASN D 92 -7.06 -7.59 -4.15
N GLU D 93 -7.07 -8.66 -4.95
CA GLU D 93 -6.01 -9.66 -4.87
C GLU D 93 -4.68 -9.09 -5.32
N ILE D 94 -4.71 -8.24 -6.34
CA ILE D 94 -3.49 -7.68 -6.91
C ILE D 94 -2.85 -6.70 -5.95
N ILE D 95 -3.66 -5.80 -5.38
CA ILE D 95 -3.13 -4.84 -4.42
C ILE D 95 -2.62 -5.54 -3.17
N ALA D 96 -3.36 -6.53 -2.70
CA ALA D 96 -2.94 -7.31 -1.52
C ALA D 96 -1.60 -7.99 -1.77
N ALA D 97 -1.36 -8.44 -2.99
CA ALA D 97 -0.10 -9.13 -3.29
C ALA D 97 1.05 -8.16 -3.30
N ILE D 98 0.81 -6.98 -3.86
CA ILE D 98 1.81 -5.94 -3.86
C ILE D 98 2.09 -5.51 -2.42
N ASP D 99 1.04 -5.34 -1.61
CA ASP D 99 1.25 -4.97 -0.20
C ASP D 99 2.09 -6.01 0.55
N PHE D 100 1.87 -7.27 0.23
CA PHE D 100 2.57 -8.37 0.88
C PHE D 100 4.05 -8.29 0.57
N LEU D 101 4.35 -8.06 -0.71
CA LEU D 101 5.74 -7.96 -1.17
C LEU D 101 6.48 -6.82 -0.48
N ILE D 102 5.77 -5.74 -0.19
CA ILE D 102 6.44 -4.55 0.34
C ILE D 102 6.30 -4.36 1.85
N THR D 103 5.07 -4.45 2.38
CA THR D 103 4.86 -4.26 3.83
C THR D 103 4.85 -5.55 4.63
N GLY D 104 4.81 -6.68 3.93
CA GLY D 104 4.87 -7.96 4.60
C GLY D 104 3.50 -8.42 5.09
N ILE D 105 2.49 -7.57 4.93
CA ILE D 105 1.13 -7.89 5.38
C ILE D 105 0.36 -8.65 4.32
#